data_6M4L
#
_entry.id   6M4L
#
_cell.length_a   96.897
_cell.length_b   96.897
_cell.length_c   121.957
_cell.angle_alpha   90.000
_cell.angle_beta   90.000
_cell.angle_gamma   120.000
#
_symmetry.space_group_name_H-M   'P 32 2 1'
#
loop_
_entity.id
_entity.type
_entity.pdbx_description
1 polymer Alpha-amylase
2 non-polymer 'CALCIUM ION'
3 non-polymer 'CHLORIDE ION'
4 non-polymer 'SULFATE ION'
5 non-polymer 'ACETATE ION'
6 non-polymer 2-AMINO-2-HYDROXYMETHYL-PROPANE-1,3-DIOL
7 non-polymer 'TETRAETHYLENE GLYCOL'
8 non-polymer 1,2-ETHANEDIOL
9 non-polymer 'TRIETHYLENE GLYCOL'
10 water water
#
_entity_poly.entity_id   1
_entity_poly.type   'polypeptide(L)'
_entity_poly.pdbx_seq_one_letter_code
;EAEFQYFGSYYCQPGRDVIVHLFEWKWTDIERECQWLADHNYCGVQVSPPNEHRIVTDPPYPWWQRYQPVSYTMNSRSGS
ETQFRNMVTTCNNLGVYIYVDGVLNHMTGGGSGTGSDGNSFDGDSLQYPGVPYGPNDFHGSDDCSTSDGEIHDYNNPTEV
RNCRLSGLRDLDGSANYVRDVEAEFANRLIGWGVAGFRLDACKHMWPGDLEAILGRLNQLNTQWFPAGRNAYIYQQVIDL
GGEAVKATEYTYLGRVTEFKHGQNLGNVVRKNNGQRLANLVNFGEGWGQLSGFDALVFIDNHDNQRGHGAGGFGTILTFF
EANMYKIATAFELAWDYGHVRLMSSYNWPRNIVNGVDTNDWVGPPTNGGGDTKDVECFNGEWICEHRWREMYNMVRFHNV
AIGNPVSNWWDNGFQAIAFGRGNRGFIFINNEDFAITQTLQTGLPGGEYCDVISCDNNRPPCGNSGGACRATVIVNGDGT
ATFDVPNGENPMIAIHVFLEQKLISEEDLNSAVDHHHHHH
;
_entity_poly.pdbx_strand_id   A
#
loop_
_chem_comp.id
_chem_comp.type
_chem_comp.name
_chem_comp.formula
ACT non-polymer 'ACETATE ION' 'C2 H3 O2 -1'
CA non-polymer 'CALCIUM ION' 'Ca 2'
CL non-polymer 'CHLORIDE ION' 'Cl -1'
EDO non-polymer 1,2-ETHANEDIOL 'C2 H6 O2'
PG4 non-polymer 'TETRAETHYLENE GLYCOL' 'C8 H18 O5'
PGE non-polymer 'TRIETHYLENE GLYCOL' 'C6 H14 O4'
SO4 non-polymer 'SULFATE ION' 'O4 S -2'
TRS non-polymer 2-AMINO-2-HYDROXYMETHYL-PROPANE-1,3-DIOL 'C4 H12 N O3 1'
#
# COMPACT_ATOMS: atom_id res chain seq x y z
N PHE A 4 19.51 4.62 20.30
N PHE A 4 19.63 4.41 19.73
CA PHE A 4 18.95 4.79 18.96
CA PHE A 4 18.99 4.58 18.42
C PHE A 4 17.45 5.05 19.03
C PHE A 4 17.47 4.64 18.54
N GLN A 5 16.90 5.55 17.93
N GLN A 5 16.87 5.64 17.92
CA GLN A 5 15.46 5.76 17.79
CA GLN A 5 15.43 5.75 17.87
C GLN A 5 14.92 4.76 16.77
C GLN A 5 14.87 4.84 16.77
N TYR A 6 13.74 4.21 17.06
CA TYR A 6 13.05 3.32 16.14
C TYR A 6 11.82 4.05 15.62
N PHE A 7 11.55 3.89 14.32
CA PHE A 7 10.51 4.66 13.65
C PHE A 7 9.42 3.79 13.04
N GLY A 8 9.37 2.50 13.38
N GLY A 8 9.35 2.51 13.41
CA GLY A 8 8.45 1.59 12.74
CA GLY A 8 8.41 1.60 12.79
C GLY A 8 7.09 1.46 13.38
C GLY A 8 7.02 1.53 13.42
N SER A 9 6.73 2.35 14.28
N SER A 9 6.77 2.31 14.45
CA SER A 9 5.48 2.27 15.01
CA SER A 9 5.47 2.31 15.09
C SER A 9 4.57 3.42 14.60
C SER A 9 4.62 3.43 14.49
N TYR A 10 3.41 3.09 14.06
CA TYR A 10 2.49 4.11 13.61
C TYR A 10 1.53 4.48 14.74
N TYR A 11 0.76 5.54 14.51
N TYR A 11 0.75 5.52 14.50
CA TYR A 11 -0.19 6.07 15.48
CA TYR A 11 -0.19 6.04 15.49
C TYR A 11 -1.54 6.24 14.80
C TYR A 11 -1.55 6.27 14.83
N CYS A 12 -2.57 5.62 15.36
CA CYS A 12 -3.92 5.71 14.82
C CYS A 12 -4.90 6.01 15.94
N GLN A 13 -6.00 6.65 15.58
CA GLN A 13 -7.15 6.76 16.49
C GLN A 13 -7.66 5.36 16.83
N PRO A 14 -8.31 5.22 17.98
N PRO A 14 -8.35 5.19 17.95
CA PRO A 14 -8.93 3.92 18.32
CA PRO A 14 -8.81 3.84 18.31
C PRO A 14 -9.88 3.47 17.23
C PRO A 14 -9.77 3.29 17.27
N GLY A 15 -9.83 2.17 16.93
N GLY A 15 -9.62 2.00 16.96
CA GLY A 15 -10.67 1.55 15.94
CA GLY A 15 -10.50 1.37 15.99
C GLY A 15 -10.15 1.62 14.52
C GLY A 15 -10.20 1.73 14.55
N ARG A 16 -9.02 2.30 14.28
CA ARG A 16 -8.55 2.54 12.93
C ARG A 16 -7.13 1.99 12.78
N ASP A 17 -6.80 1.55 11.57
N ASP A 17 -6.80 1.55 11.56
CA ASP A 17 -5.54 0.85 11.37
CA ASP A 17 -5.55 0.82 11.37
C ASP A 17 -5.04 0.89 9.91
C ASP A 17 -5.05 0.84 9.92
N VAL A 18 -5.95 0.62 8.97
CA VAL A 18 -5.55 0.44 7.56
C VAL A 18 -5.26 1.79 6.90
N ILE A 19 -4.27 1.84 6.03
N ILE A 19 -4.27 1.79 6.01
CA ILE A 19 -4.00 3.07 5.30
CA ILE A 19 -3.82 2.96 5.26
C ILE A 19 -4.19 2.85 3.80
C ILE A 19 -4.26 2.82 3.80
N VAL A 20 -4.38 3.96 3.09
CA VAL A 20 -4.75 3.96 1.67
C VAL A 20 -3.77 4.83 0.90
N HIS A 21 -3.28 4.33 -0.23
CA HIS A 21 -2.46 5.13 -1.13
C HIS A 21 -3.38 5.83 -2.13
N LEU A 22 -3.62 7.13 -1.92
CA LEU A 22 -4.47 7.91 -2.83
C LEU A 22 -3.57 8.46 -3.94
N PHE A 23 -3.21 7.56 -4.85
CA PHE A 23 -2.18 7.79 -5.86
C PHE A 23 -2.58 8.91 -6.82
N GLU A 24 -1.78 9.96 -6.87
CA GLU A 24 -1.98 11.15 -7.72
C GLU A 24 -3.26 11.93 -7.39
N TRP A 25 -3.90 11.70 -6.25
CA TRP A 25 -5.00 12.57 -5.86
C TRP A 25 -4.49 13.96 -5.51
N LYS A 26 -5.26 14.97 -5.90
CA LYS A 26 -4.99 16.34 -5.51
C LYS A 26 -5.26 16.54 -4.02
N TRP A 27 -4.59 17.54 -3.44
CA TRP A 27 -4.77 17.80 -2.01
C TRP A 27 -6.22 18.16 -1.68
N THR A 28 -6.88 18.91 -2.57
CA THR A 28 -8.27 19.27 -2.26
C THR A 28 -9.16 18.04 -2.22
N ASP A 29 -8.88 17.04 -3.05
CA ASP A 29 -9.67 15.83 -3.04
C ASP A 29 -9.38 14.96 -1.82
N ILE A 30 -8.11 14.87 -1.41
CA ILE A 30 -7.80 14.09 -0.22
C ILE A 30 -8.42 14.73 1.01
N GLU A 31 -8.35 16.06 1.10
CA GLU A 31 -8.97 16.79 2.20
C GLU A 31 -10.46 16.44 2.32
N ARG A 32 -11.16 16.43 1.19
N ARG A 32 -11.17 16.45 1.19
CA ARG A 32 -12.58 16.05 1.19
CA ARG A 32 -12.57 16.04 1.22
C ARG A 32 -12.75 14.58 1.55
C ARG A 32 -12.73 14.58 1.60
N GLU A 33 -11.86 13.72 1.04
CA GLU A 33 -11.97 12.28 1.28
C GLU A 33 -11.75 11.90 2.74
N CYS A 34 -11.05 12.74 3.50
CA CYS A 34 -10.75 12.37 4.87
C CYS A 34 -12.01 12.19 5.70
N GLN A 35 -13.11 12.89 5.37
CA GLN A 35 -14.36 12.64 6.08
C GLN A 35 -14.87 11.23 5.80
N TRP A 36 -14.90 10.83 4.52
CA TRP A 36 -15.33 9.48 4.17
C TRP A 36 -14.43 8.44 4.83
N LEU A 37 -13.11 8.66 4.79
CA LEU A 37 -12.16 7.74 5.40
C LEU A 37 -12.38 7.61 6.90
N ALA A 38 -12.61 8.73 7.59
CA ALA A 38 -12.87 8.68 9.03
C ALA A 38 -14.14 7.91 9.33
N ASP A 39 -15.21 8.18 8.56
CA ASP A 39 -16.47 7.49 8.76
C ASP A 39 -16.35 5.99 8.57
N HIS A 40 -15.39 5.54 7.74
CA HIS A 40 -15.16 4.13 7.50
C HIS A 40 -13.94 3.60 8.24
N ASN A 41 -13.42 4.40 9.18
CA ASN A 41 -12.40 3.97 10.13
C ASN A 41 -11.15 3.43 9.45
N TYR A 42 -10.71 4.13 8.42
CA TYR A 42 -9.34 4.04 7.94
C TYR A 42 -8.45 4.94 8.80
N CYS A 43 -7.17 4.55 8.92
CA CYS A 43 -6.25 5.31 9.78
C CYS A 43 -5.54 6.46 9.07
N GLY A 44 -5.22 6.34 7.79
CA GLY A 44 -4.43 7.38 7.18
C GLY A 44 -4.24 7.14 5.70
N VAL A 45 -3.49 8.07 5.08
CA VAL A 45 -3.38 8.18 3.63
C VAL A 45 -1.92 8.37 3.26
N GLN A 46 -1.42 7.56 2.33
CA GLN A 46 -0.13 7.84 1.70
C GLN A 46 -0.37 8.75 0.52
N VAL A 47 0.34 9.88 0.49
CA VAL A 47 0.16 10.89 -0.57
C VAL A 47 1.36 10.87 -1.51
N SER A 48 1.09 11.19 -2.78
CA SER A 48 2.13 11.26 -3.79
C SER A 48 3.16 12.32 -3.44
N PRO A 49 4.38 12.21 -3.98
CA PRO A 49 5.46 13.14 -3.60
C PRO A 49 5.00 14.59 -3.72
N PRO A 50 5.10 15.36 -2.63
CA PRO A 50 4.47 16.69 -2.59
C PRO A 50 5.46 17.81 -2.84
N ASN A 51 6.74 17.47 -2.93
CA ASN A 51 7.78 18.46 -3.18
C ASN A 51 7.81 18.83 -4.67
N GLU A 52 8.58 19.87 -4.99
CA GLU A 52 8.72 20.28 -6.37
C GLU A 52 9.41 19.17 -7.19
N HIS A 53 8.76 18.76 -8.27
CA HIS A 53 9.25 17.67 -9.09
C HIS A 53 9.34 18.10 -10.54
N ARG A 54 9.97 17.22 -11.33
CA ARG A 54 10.11 17.47 -12.76
C ARG A 54 8.75 17.58 -13.43
N ILE A 55 8.66 18.45 -14.44
CA ILE A 55 7.53 18.48 -15.35
C ILE A 55 8.04 17.92 -16.67
N VAL A 56 7.56 16.73 -17.01
CA VAL A 56 7.96 16.02 -18.22
C VAL A 56 6.85 16.20 -19.23
N THR A 57 7.19 16.73 -20.40
CA THR A 57 6.20 16.92 -21.45
C THR A 57 6.36 15.93 -22.61
N ASP A 58 7.47 15.19 -22.67
CA ASP A 58 7.59 14.07 -23.58
C ASP A 58 7.98 12.81 -22.80
N PRO A 59 7.01 11.90 -22.56
CA PRO A 59 5.60 11.94 -22.93
C PRO A 59 4.83 12.95 -22.05
N PRO A 60 3.57 13.25 -22.35
CA PRO A 60 2.91 14.39 -21.68
C PRO A 60 2.45 14.05 -20.27
N TYR A 61 3.19 14.57 -19.27
CA TYR A 61 2.84 14.60 -17.85
C TYR A 61 2.64 13.19 -17.29
N PRO A 62 3.65 12.34 -17.40
CA PRO A 62 3.55 10.97 -16.87
C PRO A 62 3.48 10.99 -15.34
N TRP A 63 2.97 9.91 -14.77
CA TRP A 63 2.98 9.84 -13.29
C TRP A 63 4.40 9.88 -12.76
N TRP A 64 5.37 9.30 -13.48
CA TRP A 64 6.68 9.12 -12.88
C TRP A 64 7.49 10.40 -12.84
N GLN A 65 7.01 11.51 -13.42
CA GLN A 65 7.70 12.78 -13.24
C GLN A 65 7.80 13.16 -11.75
N ARG A 66 6.85 12.69 -10.93
CA ARG A 66 6.87 13.04 -9.52
C ARG A 66 7.94 12.30 -8.72
N TYR A 67 8.64 11.34 -9.31
CA TYR A 67 9.74 10.65 -8.64
C TYR A 67 11.09 11.21 -9.07
N GLN A 68 11.10 12.41 -9.66
CA GLN A 68 12.32 13.14 -10.01
C GLN A 68 12.28 14.51 -9.35
N PRO A 69 12.76 14.61 -8.11
CA PRO A 69 12.71 15.89 -7.39
C PRO A 69 13.54 16.96 -8.07
N VAL A 70 13.04 18.19 -7.99
CA VAL A 70 13.74 19.38 -8.45
C VAL A 70 14.12 20.29 -7.29
N SER A 71 13.28 20.38 -6.25
CA SER A 71 13.64 21.06 -5.02
C SER A 71 12.77 20.50 -3.89
N TYR A 72 12.89 21.08 -2.71
CA TYR A 72 12.06 20.68 -1.59
C TYR A 72 11.03 21.74 -1.23
N THR A 73 10.73 22.66 -2.14
CA THR A 73 9.52 23.44 -1.97
C THR A 73 8.30 22.54 -2.19
N MET A 74 7.12 23.06 -1.90
CA MET A 74 5.95 22.21 -1.73
C MET A 74 4.81 22.55 -2.68
N ASN A 75 5.14 22.90 -3.93
N ASN A 75 5.13 22.94 -3.91
CA ASN A 75 4.15 23.11 -4.98
CA ASN A 75 4.14 23.10 -4.98
C ASN A 75 4.33 21.97 -5.98
C ASN A 75 4.34 21.95 -5.95
N SER A 76 3.31 21.12 -6.11
CA SER A 76 3.39 19.89 -6.88
C SER A 76 2.15 19.76 -7.77
N ARG A 77 2.12 18.69 -8.58
CA ARG A 77 0.93 18.42 -9.38
C ARG A 77 -0.33 18.31 -8.52
N SER A 78 -0.22 17.82 -7.29
CA SER A 78 -1.40 17.68 -6.45
C SER A 78 -1.88 19.01 -5.88
N GLY A 79 -1.08 20.07 -5.90
CA GLY A 79 -1.52 21.36 -5.45
C GLY A 79 -0.42 22.15 -4.76
N SER A 80 -0.81 23.29 -4.21
CA SER A 80 0.10 24.26 -3.62
C SER A 80 0.47 23.87 -2.19
N GLU A 81 1.44 24.59 -1.64
CA GLU A 81 1.75 24.43 -0.21
C GLU A 81 0.54 24.74 0.65
N THR A 82 -0.21 25.80 0.30
CA THR A 82 -1.42 26.14 1.05
C THR A 82 -2.42 25.00 1.01
N GLN A 83 -2.63 24.41 -0.16
CA GLN A 83 -3.59 23.31 -0.24
C GLN A 83 -3.09 22.07 0.50
N PHE A 84 -1.78 21.83 0.50
CA PHE A 84 -1.21 20.72 1.26
C PHE A 84 -1.46 20.88 2.75
N ARG A 85 -1.22 22.07 3.29
CA ARG A 85 -1.39 22.31 4.72
C ARG A 85 -2.86 22.30 5.12
N ASN A 86 -3.73 22.83 4.26
CA ASN A 86 -5.17 22.68 4.50
C ASN A 86 -5.56 21.22 4.60
N MET A 87 -5.05 20.39 3.69
CA MET A 87 -5.35 18.95 3.73
C MET A 87 -4.89 18.32 5.03
N VAL A 88 -3.64 18.60 5.43
CA VAL A 88 -3.08 17.98 6.63
C VAL A 88 -3.86 18.39 7.86
N THR A 89 -4.19 19.68 7.98
CA THR A 89 -4.94 20.17 9.13
C THR A 89 -6.32 19.52 9.21
N THR A 90 -7.06 19.51 8.10
CA THR A 90 -8.41 18.95 8.10
C THR A 90 -8.40 17.46 8.40
N CYS A 91 -7.48 16.73 7.75
CA CYS A 91 -7.41 15.30 7.95
C CYS A 91 -7.00 14.96 9.38
N ASN A 92 -5.97 15.64 9.89
CA ASN A 92 -5.55 15.42 11.28
C ASN A 92 -6.71 15.69 12.25
N ASN A 93 -7.48 16.76 12.00
CA ASN A 93 -8.59 17.08 12.89
C ASN A 93 -9.64 15.99 12.86
N LEU A 94 -9.75 15.26 11.75
CA LEU A 94 -10.66 14.13 11.63
C LEU A 94 -10.07 12.82 12.12
N GLY A 95 -8.80 12.82 12.53
CA GLY A 95 -8.17 11.59 12.95
C GLY A 95 -7.78 10.66 11.81
N VAL A 96 -7.48 11.23 10.64
CA VAL A 96 -6.97 10.50 9.48
C VAL A 96 -5.64 11.13 9.10
N TYR A 97 -4.55 10.36 9.22
CA TYR A 97 -3.22 10.94 9.20
C TYR A 97 -2.59 10.83 7.81
N ILE A 98 -1.49 11.56 7.61
CA ILE A 98 -0.88 11.75 6.29
C ILE A 98 0.55 11.23 6.30
N TYR A 99 0.88 10.38 5.33
N TYR A 99 0.84 10.28 5.43
CA TYR A 99 2.21 9.82 5.18
CA TYR A 99 2.22 9.83 5.19
C TYR A 99 2.78 10.22 3.83
C TYR A 99 2.67 10.38 3.85
N VAL A 100 3.83 11.02 3.84
CA VAL A 100 4.38 11.59 2.61
C VAL A 100 5.27 10.57 1.89
N ASP A 101 5.06 10.42 0.59
CA ASP A 101 5.98 9.69 -0.28
C ASP A 101 7.24 10.53 -0.42
N GLY A 102 8.30 10.15 0.31
CA GLY A 102 9.51 10.95 0.40
C GLY A 102 10.60 10.40 -0.48
N VAL A 103 11.08 11.22 -1.42
CA VAL A 103 12.01 10.80 -2.46
C VAL A 103 13.37 11.43 -2.14
N LEU A 104 14.26 10.66 -1.47
CA LEU A 104 15.52 11.18 -0.95
C LEU A 104 16.75 10.61 -1.64
N ASN A 105 16.61 9.58 -2.48
CA ASN A 105 17.78 8.91 -3.06
C ASN A 105 18.40 9.72 -4.21
N HIS A 106 17.61 10.53 -4.89
CA HIS A 106 18.04 11.08 -6.17
C HIS A 106 17.29 12.37 -6.45
N MET A 107 17.74 13.08 -7.50
CA MET A 107 17.01 14.21 -8.04
C MET A 107 16.41 13.82 -9.39
N THR A 108 16.81 14.47 -10.49
CA THR A 108 16.28 14.12 -11.79
C THR A 108 17.24 13.21 -12.54
N GLY A 109 16.77 12.74 -13.70
CA GLY A 109 17.63 12.18 -14.71
C GLY A 109 18.33 13.28 -15.48
N GLY A 110 18.86 12.92 -16.65
CA GLY A 110 19.56 13.88 -17.47
C GLY A 110 18.61 14.90 -18.09
N GLY A 111 19.20 15.90 -18.76
CA GLY A 111 18.42 16.96 -19.36
C GLY A 111 18.17 18.10 -18.39
N SER A 112 17.55 19.16 -18.90
CA SER A 112 17.28 20.36 -18.11
C SER A 112 15.84 20.82 -18.34
N GLY A 113 15.38 21.67 -17.45
CA GLY A 113 14.00 22.13 -17.50
C GLY A 113 13.61 22.93 -16.27
N THR A 114 12.29 23.05 -16.07
N THR A 114 12.32 23.14 -16.16
CA THR A 114 11.70 23.84 -14.98
CA THR A 114 11.70 23.74 -15.00
C THR A 114 10.70 23.00 -14.20
C THR A 114 11.07 22.62 -14.17
N GLY A 115 10.88 22.91 -12.88
CA GLY A 115 10.09 22.07 -12.02
C GLY A 115 8.69 22.63 -11.80
N SER A 116 7.91 21.89 -10.99
CA SER A 116 6.52 22.23 -10.74
C SER A 116 6.33 23.49 -9.91
N ASP A 117 7.42 24.10 -9.42
CA ASP A 117 7.36 25.36 -8.68
C ASP A 117 8.22 26.42 -9.33
N GLY A 118 8.60 26.22 -10.59
CA GLY A 118 9.32 27.23 -11.33
C GLY A 118 10.81 27.25 -11.15
N ASN A 119 11.38 26.31 -10.39
CA ASN A 119 12.84 26.26 -10.25
C ASN A 119 13.45 25.43 -11.37
N SER A 120 14.60 25.88 -11.85
N SER A 120 14.63 25.88 -11.82
CA SER A 120 15.23 25.12 -12.91
CA SER A 120 15.38 25.18 -12.84
C SER A 120 16.01 23.95 -12.34
C SER A 120 15.99 23.89 -12.29
N PHE A 121 16.30 22.98 -13.21
CA PHE A 121 17.16 21.84 -12.90
C PHE A 121 18.00 21.53 -14.13
N ASP A 122 19.16 20.92 -13.90
CA ASP A 122 20.00 20.46 -15.01
C ASP A 122 20.67 19.17 -14.55
N GLY A 123 20.13 18.03 -14.99
CA GLY A 123 20.76 16.77 -14.65
C GLY A 123 22.11 16.55 -15.30
N ASP A 124 22.43 17.32 -16.34
CA ASP A 124 23.72 17.12 -16.99
C ASP A 124 24.84 17.80 -16.22
N SER A 125 24.58 18.97 -15.66
CA SER A 125 25.56 19.69 -14.87
C SER A 125 25.35 19.50 -13.38
N LEU A 126 24.35 18.70 -12.99
CA LEU A 126 24.05 18.41 -11.58
C LEU A 126 23.78 19.69 -10.80
N GLN A 127 23.06 20.62 -11.42
CA GLN A 127 22.75 21.90 -10.80
C GLN A 127 21.26 21.96 -10.47
N TYR A 128 20.94 22.15 -9.19
CA TYR A 128 19.57 22.20 -8.69
C TYR A 128 19.47 23.44 -7.81
N PRO A 129 19.36 24.63 -8.42
CA PRO A 129 19.51 25.86 -7.64
C PRO A 129 18.42 26.08 -6.61
N GLY A 130 17.29 25.37 -6.72
CA GLY A 130 16.22 25.54 -5.75
C GLY A 130 16.47 24.91 -4.40
N VAL A 131 17.52 24.10 -4.26
CA VAL A 131 17.79 23.42 -3.01
C VAL A 131 18.72 24.25 -2.10
N PRO A 132 19.96 24.55 -2.55
CA PRO A 132 20.72 24.23 -3.77
C PRO A 132 21.57 22.97 -3.64
N TYR A 133 21.67 22.21 -4.74
CA TYR A 133 22.63 21.13 -4.89
C TYR A 133 23.53 21.42 -6.08
N GLY A 134 24.80 21.01 -5.97
CA GLY A 134 25.72 20.99 -7.08
C GLY A 134 26.41 19.65 -7.22
N PRO A 135 27.36 19.54 -8.15
CA PRO A 135 28.04 18.25 -8.38
C PRO A 135 28.65 17.64 -7.13
N ASN A 136 29.12 18.46 -6.18
CA ASN A 136 29.74 17.90 -4.98
C ASN A 136 28.76 17.11 -4.12
N ASP A 137 27.46 17.32 -4.31
CA ASP A 137 26.44 16.69 -3.47
C ASP A 137 25.96 15.36 -4.02
N PHE A 138 26.55 14.89 -5.12
CA PHE A 138 26.16 13.65 -5.77
C PHE A 138 27.29 12.64 -5.78
N HIS A 139 26.92 11.36 -5.76
CA HIS A 139 27.84 10.32 -6.17
C HIS A 139 28.25 10.53 -7.63
N GLY A 140 29.46 10.11 -7.96
CA GLY A 140 29.99 10.29 -9.30
C GLY A 140 30.98 9.19 -9.63
N SER A 141 31.88 9.48 -10.56
CA SER A 141 32.83 8.47 -11.02
C SER A 141 33.73 7.96 -9.89
N ASP A 142 33.92 8.76 -8.85
CA ASP A 142 34.69 8.30 -7.69
C ASP A 142 33.96 7.22 -6.90
N ASP A 143 32.63 7.16 -7.00
CA ASP A 143 31.85 6.25 -6.18
C ASP A 143 31.22 5.11 -6.97
N CYS A 144 31.12 5.25 -8.28
CA CYS A 144 30.43 4.31 -9.16
C CYS A 144 31.34 4.01 -10.33
N SER A 145 31.63 2.74 -10.56
N SER A 145 31.63 2.74 -10.56
CA SER A 145 32.62 2.33 -11.54
CA SER A 145 32.63 2.34 -11.55
C SER A 145 32.02 1.72 -12.80
C SER A 145 32.02 1.77 -12.83
N THR A 146 30.70 1.70 -12.94
CA THR A 146 30.10 1.16 -14.15
C THR A 146 30.32 2.11 -15.33
N SER A 147 30.33 1.53 -16.53
CA SER A 147 30.72 2.31 -17.71
C SER A 147 29.74 3.43 -18.00
N ASP A 148 28.43 3.16 -17.87
CA ASP A 148 27.42 4.17 -18.10
C ASP A 148 26.99 4.89 -16.82
N GLY A 149 27.61 4.58 -15.68
CA GLY A 149 27.26 5.19 -14.43
C GLY A 149 25.96 4.70 -13.81
N GLU A 150 25.32 3.69 -14.40
CA GLU A 150 24.05 3.19 -13.91
C GLU A 150 24.24 1.85 -13.19
N ILE A 151 23.17 1.40 -12.55
CA ILE A 151 23.19 0.17 -11.79
C ILE A 151 22.94 -1.00 -12.73
N HIS A 152 23.75 -2.05 -12.60
CA HIS A 152 23.58 -3.25 -13.41
C HIS A 152 23.65 -4.53 -12.59
N ASP A 153 24.57 -4.61 -11.62
CA ASP A 153 24.83 -5.84 -10.88
C ASP A 153 24.20 -5.69 -9.50
N TYR A 154 23.02 -6.29 -9.32
CA TYR A 154 22.33 -6.22 -8.03
C TYR A 154 22.92 -7.20 -6.99
N ASN A 155 24.02 -7.88 -7.30
CA ASN A 155 24.78 -8.60 -6.29
C ASN A 155 25.92 -7.77 -5.73
N ASN A 156 25.99 -6.50 -6.11
CA ASN A 156 27.04 -5.59 -5.66
C ASN A 156 26.38 -4.45 -4.87
N PRO A 157 26.33 -4.52 -3.54
CA PRO A 157 25.65 -3.46 -2.77
C PRO A 157 26.18 -2.06 -3.01
N THR A 158 27.50 -1.92 -3.22
CA THR A 158 28.05 -0.60 -3.47
C THR A 158 27.53 -0.01 -4.77
N GLU A 159 27.42 -0.85 -5.81
CA GLU A 159 26.86 -0.40 -7.08
C GLU A 159 25.38 -0.04 -6.94
N VAL A 160 24.61 -0.91 -6.27
CA VAL A 160 23.19 -0.66 -6.06
C VAL A 160 22.97 0.67 -5.34
N ARG A 161 23.86 1.01 -4.42
N ARG A 161 23.86 1.01 -4.42
CA ARG A 161 23.65 2.18 -3.56
CA ARG A 161 23.66 2.19 -3.58
C ARG A 161 24.36 3.44 -4.04
C ARG A 161 24.29 3.45 -4.15
N ASN A 162 25.43 3.32 -4.83
CA ASN A 162 26.19 4.49 -5.25
C ASN A 162 26.07 4.82 -6.73
N CYS A 163 25.58 3.90 -7.55
CA CYS A 163 25.36 4.19 -8.96
C CYS A 163 23.94 4.72 -9.19
N ARG A 164 23.64 5.12 -10.42
CA ARG A 164 22.38 5.80 -10.74
C ARG A 164 21.30 4.78 -11.08
N LEU A 165 20.17 4.85 -10.38
CA LEU A 165 19.03 4.03 -10.74
C LEU A 165 18.42 4.56 -12.03
N SER A 166 18.62 3.84 -13.14
CA SER A 166 18.07 4.21 -14.45
C SER A 166 18.41 5.66 -14.81
N GLY A 167 19.63 6.08 -14.47
CA GLY A 167 20.10 7.41 -14.78
C GLY A 167 19.72 8.50 -13.80
N LEU A 168 18.94 8.20 -12.77
CA LEU A 168 18.57 9.22 -11.79
C LEU A 168 19.82 9.67 -11.04
N ARG A 169 20.08 10.97 -11.04
CA ARG A 169 21.30 11.47 -10.42
C ARG A 169 21.30 11.18 -8.91
N ASP A 170 22.32 10.46 -8.46
CA ASP A 170 22.30 9.79 -7.16
C ASP A 170 22.93 10.68 -6.07
N LEU A 171 22.12 11.08 -5.10
CA LEU A 171 22.60 11.99 -4.06
C LEU A 171 23.60 11.29 -3.14
N ASP A 172 24.56 12.07 -2.63
CA ASP A 172 25.55 11.55 -1.68
C ASP A 172 24.96 11.62 -0.27
N GLY A 173 24.25 10.56 0.12
CA GLY A 173 23.63 10.53 1.43
C GLY A 173 24.61 10.46 2.59
N SER A 174 25.90 10.28 2.32
CA SER A 174 26.91 10.28 3.38
C SER A 174 27.34 11.69 3.77
N ALA A 175 26.99 12.68 2.95
CA ALA A 175 27.45 14.04 3.18
C ALA A 175 26.58 14.75 4.20
N ASN A 176 27.22 15.47 5.12
N ASN A 176 27.23 15.47 5.11
CA ASN A 176 26.44 16.16 6.13
CA ASN A 176 26.51 16.21 6.14
C ASN A 176 25.50 17.19 5.53
C ASN A 176 25.52 17.18 5.53
N TYR A 177 25.89 17.82 4.42
CA TYR A 177 25.02 18.83 3.80
C TYR A 177 23.73 18.20 3.27
N VAL A 178 23.85 17.07 2.57
CA VAL A 178 22.67 16.39 2.05
C VAL A 178 21.79 15.88 3.19
N ARG A 179 22.40 15.30 4.23
CA ARG A 179 21.63 14.84 5.38
C ARG A 179 20.87 16.00 6.02
N ASP A 180 21.52 17.15 6.18
CA ASP A 180 20.86 18.31 6.79
C ASP A 180 19.72 18.83 5.91
N VAL A 181 19.95 18.92 4.59
CA VAL A 181 18.94 19.44 3.68
C VAL A 181 17.72 18.53 3.67
N GLU A 182 17.94 17.22 3.61
CA GLU A 182 16.82 16.30 3.54
C GLU A 182 16.06 16.24 4.86
N ALA A 183 16.78 16.33 5.97
CA ALA A 183 16.07 16.38 7.26
C ALA A 183 15.29 17.67 7.42
N GLU A 184 15.80 18.78 6.88
CA GLU A 184 15.04 20.02 6.96
C GLU A 184 13.71 19.89 6.23
N PHE A 185 13.74 19.25 5.06
CA PHE A 185 12.52 18.98 4.29
C PHE A 185 11.54 18.14 5.10
N ALA A 186 12.01 17.02 5.65
CA ALA A 186 11.15 16.15 6.44
C ALA A 186 10.62 16.87 7.68
N ASN A 187 11.48 17.64 8.36
CA ASN A 187 11.04 18.33 9.58
C ASN A 187 10.04 19.44 9.29
N ARG A 188 10.17 20.12 8.14
CA ARG A 188 9.17 21.10 7.78
C ARG A 188 7.81 20.43 7.66
N LEU A 189 7.76 19.25 7.05
N LEU A 189 7.77 19.27 7.00
CA LEU A 189 6.48 18.58 6.85
CA LEU A 189 6.52 18.52 6.83
C LEU A 189 5.94 18.02 8.16
C LEU A 189 5.97 18.08 8.18
N ILE A 190 6.82 17.49 9.02
CA ILE A 190 6.40 17.08 10.35
C ILE A 190 5.85 18.27 11.12
N GLY A 191 6.51 19.42 11.01
CA GLY A 191 6.02 20.60 11.70
C GLY A 191 4.62 21.01 11.29
N TRP A 192 4.26 20.79 10.03
CA TRP A 192 2.91 21.09 9.58
C TRP A 192 1.89 20.05 10.01
N GLY A 193 2.32 18.88 10.47
CA GLY A 193 1.41 17.86 10.94
C GLY A 193 1.52 16.53 10.23
N VAL A 194 2.47 16.37 9.29
CA VAL A 194 2.65 15.06 8.66
C VAL A 194 3.02 14.02 9.72
N ALA A 195 2.42 12.83 9.60
CA ALA A 195 2.58 11.77 10.58
C ALA A 195 3.74 10.81 10.28
N GLY A 196 4.24 10.79 9.06
CA GLY A 196 5.25 9.82 8.71
C GLY A 196 5.54 9.87 7.22
N PHE A 197 6.31 8.89 6.77
CA PHE A 197 6.84 8.89 5.41
C PHE A 197 6.91 7.48 4.86
N ARG A 198 6.50 7.33 3.61
CA ARG A 198 6.87 6.19 2.77
C ARG A 198 8.16 6.59 2.07
N LEU A 199 9.28 5.96 2.41
CA LEU A 199 10.56 6.38 1.85
C LEU A 199 10.86 5.61 0.57
N ASP A 200 10.92 6.35 -0.53
CA ASP A 200 11.18 5.81 -1.86
C ASP A 200 12.61 5.29 -2.00
N ALA A 201 12.74 4.16 -2.71
CA ALA A 201 14.03 3.68 -3.23
C ALA A 201 15.05 3.42 -2.13
N CYS A 202 14.60 2.86 -1.01
CA CYS A 202 15.53 2.69 0.12
C CYS A 202 16.62 1.66 -0.16
N LYS A 203 16.35 0.68 -1.04
CA LYS A 203 17.41 -0.29 -1.35
C LYS A 203 18.60 0.38 -1.99
N HIS A 204 18.39 1.55 -2.59
CA HIS A 204 19.45 2.32 -3.23
C HIS A 204 20.14 3.29 -2.30
N MET A 205 19.81 3.26 -1.00
N MET A 205 19.80 3.27 -1.01
CA MET A 205 20.45 4.12 -0.01
CA MET A 205 20.43 4.11 -0.01
C MET A 205 21.09 3.26 1.08
C MET A 205 21.12 3.23 1.02
N TRP A 206 22.17 3.79 1.66
CA TRP A 206 22.83 3.08 2.76
C TRP A 206 22.00 3.18 4.02
N PRO A 207 21.74 2.08 4.72
CA PRO A 207 21.06 2.16 6.02
C PRO A 207 21.68 3.17 6.98
N GLY A 208 23.02 3.28 6.99
CA GLY A 208 23.66 4.25 7.88
C GLY A 208 23.35 5.68 7.50
N ASP A 209 23.13 5.94 6.22
CA ASP A 209 22.72 7.28 5.79
C ASP A 209 21.29 7.56 6.19
N LEU A 210 20.39 6.58 5.99
CA LEU A 210 19.03 6.71 6.50
C LEU A 210 19.03 6.92 8.01
N GLU A 211 19.86 6.16 8.74
CA GLU A 211 19.92 6.33 10.20
C GLU A 211 20.33 7.75 10.57
N ALA A 212 21.30 8.32 9.85
CA ALA A 212 21.75 9.68 10.15
C ALA A 212 20.67 10.71 9.86
N ILE A 213 19.91 10.51 8.78
CA ILE A 213 18.82 11.42 8.45
C ILE A 213 17.70 11.32 9.50
N LEU A 214 17.29 10.09 9.83
CA LEU A 214 16.22 9.90 10.79
C LEU A 214 16.59 10.44 12.16
N GLY A 215 17.86 10.32 12.54
CA GLY A 215 18.32 10.89 13.80
C GLY A 215 18.20 12.39 13.89
N ARG A 216 18.07 13.08 12.75
CA ARG A 216 17.87 14.53 12.74
C ARG A 216 16.40 14.93 12.84
N LEU A 217 15.47 13.98 12.80
CA LEU A 217 14.06 14.33 12.76
C LEU A 217 13.53 14.82 14.10
N ASN A 218 12.66 15.81 14.04
CA ASN A 218 11.87 16.26 15.17
C ASN A 218 10.71 15.29 15.41
N GLN A 219 10.20 15.30 16.65
CA GLN A 219 9.06 14.45 16.96
C GLN A 219 7.77 15.11 16.46
N LEU A 220 6.69 14.33 16.50
CA LEU A 220 5.44 14.75 15.85
C LEU A 220 4.82 15.97 16.54
N ASN A 221 3.99 16.68 15.79
CA ASN A 221 3.36 17.92 16.24
C ASN A 221 2.30 17.63 17.30
N THR A 222 2.48 18.19 18.50
CA THR A 222 1.60 17.83 19.62
C THR A 222 0.25 18.54 19.59
N GLN A 223 -0.04 19.32 18.54
CA GLN A 223 -1.42 19.72 18.32
C GLN A 223 -2.30 18.50 18.11
N TRP A 224 -1.74 17.41 17.58
CA TRP A 224 -2.51 16.20 17.29
C TRP A 224 -1.91 14.94 17.89
N PHE A 225 -0.57 14.89 18.01
CA PHE A 225 0.06 13.63 18.34
C PHE A 225 0.60 13.63 19.76
N PRO A 226 0.76 12.46 20.37
CA PRO A 226 1.30 12.41 21.75
C PRO A 226 2.69 13.03 21.80
N ALA A 227 3.01 13.62 22.95
CA ALA A 227 4.36 14.14 23.14
C ALA A 227 5.37 13.01 23.07
N GLY A 228 6.54 13.31 22.50
CA GLY A 228 7.61 12.34 22.44
C GLY A 228 7.40 11.18 21.50
N ARG A 229 6.66 11.39 20.40
N ARG A 229 6.67 11.39 20.39
CA ARG A 229 6.37 10.32 19.45
CA ARG A 229 6.36 10.34 19.44
C ARG A 229 7.19 10.53 18.18
C ARG A 229 7.19 10.54 18.17
N ASN A 230 7.92 9.50 17.77
CA ASN A 230 8.65 9.53 16.51
C ASN A 230 7.68 9.45 15.34
N ALA A 231 8.07 10.09 14.23
CA ALA A 231 7.36 9.88 12.97
C ALA A 231 7.33 8.41 12.61
N TYR A 232 6.31 8.01 11.86
CA TYR A 232 6.23 6.65 11.34
C TYR A 232 7.00 6.58 10.03
N ILE A 233 7.92 5.63 9.93
CA ILE A 233 8.74 5.47 8.71
C ILE A 233 8.53 4.05 8.20
N TYR A 234 8.05 3.92 6.98
CA TYR A 234 8.14 2.65 6.29
C TYR A 234 8.91 2.84 5.00
N GLN A 235 9.76 1.86 4.69
CA GLN A 235 10.81 1.99 3.68
C GLN A 235 10.50 1.08 2.50
N GLN A 236 10.52 1.66 1.29
CA GLN A 236 10.35 0.84 0.11
C GLN A 236 11.67 0.16 -0.18
N VAL A 237 11.72 -1.13 0.12
CA VAL A 237 12.84 -2.00 -0.23
C VAL A 237 12.25 -3.17 -1.00
N ILE A 238 12.60 -3.27 -2.28
CA ILE A 238 12.13 -4.36 -3.11
C ILE A 238 13.09 -5.54 -2.92
N ASP A 239 12.63 -6.57 -2.22
CA ASP A 239 13.48 -7.72 -1.90
C ASP A 239 12.64 -8.98 -2.08
N LEU A 240 12.76 -9.60 -3.24
CA LEU A 240 12.18 -10.91 -3.51
C LEU A 240 13.22 -12.01 -3.45
N GLY A 241 14.31 -11.78 -2.70
CA GLY A 241 15.39 -12.74 -2.61
C GLY A 241 16.31 -12.69 -3.81
N GLY A 242 17.46 -13.34 -3.66
CA GLY A 242 18.38 -13.46 -4.78
C GLY A 242 19.16 -12.21 -5.11
N GLU A 243 19.40 -11.34 -4.13
N GLU A 243 19.43 -11.35 -4.13
CA GLU A 243 20.19 -10.13 -4.31
CA GLU A 243 20.28 -10.19 -4.37
C GLU A 243 21.03 -9.91 -3.06
C GLU A 243 20.93 -9.79 -3.05
N ALA A 244 21.96 -8.96 -3.17
CA ALA A 244 22.84 -8.66 -2.05
C ALA A 244 22.23 -7.68 -1.07
N VAL A 245 21.25 -6.88 -1.48
CA VAL A 245 20.58 -5.98 -0.56
C VAL A 245 19.33 -6.67 -0.03
N LYS A 246 19.15 -6.65 1.29
CA LYS A 246 18.08 -7.38 1.97
C LYS A 246 17.18 -6.44 2.77
N ALA A 247 15.88 -6.78 2.81
CA ALA A 247 14.94 -6.02 3.63
C ALA A 247 15.33 -6.00 5.10
N THR A 248 15.94 -7.10 5.58
CA THR A 248 16.35 -7.21 6.98
C THR A 248 17.43 -6.22 7.37
N GLU A 249 18.11 -5.59 6.41
CA GLU A 249 19.05 -4.52 6.73
C GLU A 249 18.37 -3.27 7.22
N TYR A 250 17.09 -3.07 6.87
CA TYR A 250 16.42 -1.82 7.14
C TYR A 250 15.41 -1.91 8.27
N THR A 251 15.11 -3.12 8.77
CA THR A 251 14.05 -3.24 9.76
C THR A 251 14.42 -2.62 11.11
N TYR A 252 15.71 -2.41 11.42
CA TYR A 252 16.03 -1.77 12.69
C TYR A 252 15.66 -0.30 12.70
N LEU A 253 15.49 0.33 11.54
CA LEU A 253 15.15 1.74 11.44
C LEU A 253 13.65 1.98 11.49
N GLY A 254 12.89 1.11 10.82
CA GLY A 254 11.45 1.29 10.68
C GLY A 254 10.89 0.11 9.93
N ARG A 255 9.59 0.19 9.60
CA ARG A 255 9.01 -0.91 8.85
C ARG A 255 9.51 -0.91 7.40
N VAL A 256 9.31 -2.04 6.74
CA VAL A 256 9.79 -2.25 5.37
C VAL A 256 8.66 -2.85 4.54
N THR A 257 8.49 -2.32 3.32
CA THR A 257 7.56 -2.91 2.37
C THR A 257 7.92 -4.37 2.13
N GLU A 258 6.96 -5.28 2.34
CA GLU A 258 7.19 -6.69 2.08
C GLU A 258 6.59 -7.06 0.72
N PHE A 259 7.42 -6.99 -0.34
CA PHE A 259 6.90 -7.31 -1.67
C PHE A 259 6.65 -8.80 -1.87
N LYS A 260 7.21 -9.69 -1.04
CA LYS A 260 6.89 -11.11 -1.17
C LYS A 260 5.42 -11.37 -0.86
N HIS A 261 4.82 -10.52 -0.03
CA HIS A 261 3.44 -10.72 0.41
C HIS A 261 2.47 -10.70 -0.78
N GLY A 262 2.54 -9.65 -1.61
CA GLY A 262 1.68 -9.58 -2.79
C GLY A 262 2.06 -10.59 -3.86
N GLN A 263 3.35 -10.92 -3.97
N GLN A 263 3.34 -10.94 -3.96
CA GLN A 263 3.76 -11.97 -4.90
CA GLN A 263 3.71 -11.96 -4.93
C GLN A 263 3.15 -13.30 -4.51
C GLN A 263 3.16 -13.32 -4.52
N ASN A 264 3.26 -13.66 -3.23
CA ASN A 264 2.74 -14.93 -2.76
C ASN A 264 1.22 -14.99 -2.85
N LEU A 265 0.52 -13.96 -2.35
CA LEU A 265 -0.94 -14.02 -2.41
C LEU A 265 -1.44 -13.96 -3.84
N GLY A 266 -0.76 -13.22 -4.72
CA GLY A 266 -1.12 -13.21 -6.13
C GLY A 266 -1.01 -14.60 -6.74
N ASN A 267 0.12 -15.27 -6.53
CA ASN A 267 0.29 -16.61 -7.08
C ASN A 267 -0.74 -17.57 -6.51
N VAL A 268 -1.00 -17.50 -5.20
CA VAL A 268 -1.95 -18.42 -4.58
C VAL A 268 -3.35 -18.21 -5.14
N VAL A 269 -3.85 -16.97 -5.11
CA VAL A 269 -5.23 -16.75 -5.55
C VAL A 269 -5.38 -17.02 -7.05
N ARG A 270 -4.34 -16.75 -7.84
CA ARG A 270 -4.35 -17.10 -9.26
C ARG A 270 -4.23 -18.59 -9.51
N LYS A 271 -3.83 -19.36 -8.49
CA LYS A 271 -3.53 -20.79 -8.64
C LYS A 271 -2.40 -21.03 -9.63
N ASN A 272 -1.45 -20.09 -9.69
CA ASN A 272 -0.30 -20.22 -10.58
C ASN A 272 0.52 -21.45 -10.21
N ASN A 273 0.84 -22.25 -11.22
CA ASN A 273 1.75 -23.41 -11.07
C ASN A 273 1.31 -24.32 -9.93
N GLY A 274 0.02 -24.62 -9.89
CA GLY A 274 -0.51 -25.56 -8.92
C GLY A 274 -0.61 -25.06 -7.49
N GLN A 275 -0.56 -23.74 -7.27
CA GLN A 275 -0.75 -23.23 -5.92
C GLN A 275 -2.15 -23.53 -5.41
N ARG A 276 -2.28 -23.60 -4.08
CA ARG A 276 -3.53 -23.96 -3.41
C ARG A 276 -3.83 -22.99 -2.28
N LEU A 277 -5.07 -22.49 -2.25
CA LEU A 277 -5.48 -21.61 -1.16
C LEU A 277 -5.25 -22.23 0.21
N ALA A 278 -5.39 -23.56 0.32
CA ALA A 278 -5.16 -24.24 1.59
C ALA A 278 -3.75 -24.03 2.12
N ASN A 279 -2.78 -23.69 1.27
CA ASN A 279 -1.42 -23.46 1.73
C ASN A 279 -1.29 -22.21 2.58
N LEU A 280 -2.30 -21.34 2.60
CA LEU A 280 -2.24 -20.13 3.42
C LEU A 280 -2.37 -20.40 4.92
N VAL A 281 -2.52 -21.66 5.33
CA VAL A 281 -2.73 -21.99 6.75
C VAL A 281 -1.65 -21.37 7.64
N ASN A 282 -0.44 -21.21 7.12
CA ASN A 282 0.67 -20.64 7.90
C ASN A 282 1.21 -19.37 7.24
N PHE A 283 0.36 -18.65 6.53
CA PHE A 283 0.85 -17.50 5.78
C PHE A 283 1.44 -16.43 6.70
N GLY A 284 2.53 -15.82 6.24
CA GLY A 284 3.18 -14.75 6.98
C GLY A 284 4.68 -14.99 7.02
N GLU A 285 5.26 -14.76 8.20
CA GLU A 285 6.71 -14.90 8.36
C GLU A 285 7.16 -16.30 7.97
N GLY A 286 6.35 -17.32 8.24
CA GLY A 286 6.69 -18.70 7.91
C GLY A 286 6.88 -18.97 6.44
N TRP A 287 6.43 -18.07 5.56
CA TRP A 287 6.68 -18.21 4.14
C TRP A 287 8.02 -17.62 3.72
N GLY A 288 8.92 -17.33 4.67
CA GLY A 288 10.15 -16.65 4.33
C GLY A 288 10.02 -15.15 4.22
N GLN A 289 9.00 -14.57 4.84
CA GLN A 289 8.75 -13.13 4.79
C GLN A 289 9.23 -12.47 6.08
N LEU A 290 9.21 -11.15 6.08
CA LEU A 290 9.47 -10.38 7.28
C LEU A 290 8.48 -10.76 8.38
N SER A 291 8.88 -10.56 9.62
CA SER A 291 7.91 -10.67 10.70
C SER A 291 6.83 -9.61 10.52
N GLY A 292 5.62 -9.93 10.97
CA GLY A 292 4.50 -9.02 10.80
C GLY A 292 4.75 -7.63 11.37
N PHE A 293 5.45 -7.55 12.51
N PHE A 293 5.44 -7.55 12.51
CA PHE A 293 5.67 -6.29 13.20
CA PHE A 293 5.73 -6.24 13.09
C PHE A 293 6.56 -5.33 12.42
C PHE A 293 6.76 -5.48 12.26
N ASP A 294 7.39 -5.86 11.52
N ASP A 294 7.51 -6.17 11.40
CA ASP A 294 8.30 -5.05 10.72
CA ASP A 294 8.50 -5.53 10.53
C ASP A 294 7.75 -4.75 9.33
C ASP A 294 7.93 -5.11 9.19
N ALA A 295 6.66 -5.39 8.91
CA ALA A 295 6.18 -5.37 7.53
C ALA A 295 5.08 -4.37 7.27
N LEU A 296 5.17 -3.72 6.11
CA LEU A 296 4.07 -3.00 5.49
C LEU A 296 3.63 -3.87 4.31
N VAL A 297 2.37 -4.28 4.31
CA VAL A 297 1.91 -5.27 3.34
C VAL A 297 0.82 -4.66 2.46
N PHE A 298 0.65 -5.24 1.28
CA PHE A 298 -0.24 -4.70 0.26
C PHE A 298 -0.32 -5.72 -0.88
N ILE A 299 -1.45 -5.75 -1.58
CA ILE A 299 -1.60 -6.65 -2.71
C ILE A 299 -0.86 -6.12 -3.94
N ASP A 300 -1.01 -4.83 -4.23
CA ASP A 300 -0.28 -4.19 -5.32
C ASP A 300 0.08 -2.76 -4.91
N ASN A 301 1.02 -2.17 -5.66
CA ASN A 301 1.33 -0.76 -5.48
C ASN A 301 1.38 -0.09 -6.85
N HIS A 302 1.77 1.19 -6.87
CA HIS A 302 1.66 1.94 -8.12
C HIS A 302 2.64 1.46 -9.18
N ASP A 303 3.78 0.90 -8.76
CA ASP A 303 4.76 0.37 -9.71
C ASP A 303 4.32 -0.96 -10.28
N ASN A 304 4.04 -1.93 -9.42
CA ASN A 304 3.86 -3.27 -9.95
C ASN A 304 2.46 -3.50 -10.53
N GLN A 305 1.49 -2.61 -10.29
CA GLN A 305 0.24 -2.73 -11.05
C GLN A 305 0.45 -2.34 -12.51
N ARG A 306 1.59 -1.71 -12.82
CA ARG A 306 2.01 -1.41 -14.18
C ARG A 306 3.00 -2.42 -14.72
N GLY A 307 3.15 -3.57 -14.05
CA GLY A 307 4.02 -4.62 -14.53
C GLY A 307 5.49 -4.45 -14.21
N HIS A 308 5.85 -3.53 -13.33
N HIS A 308 5.83 -3.45 -13.40
CA HIS A 308 7.26 -3.32 -13.02
CA HIS A 308 7.21 -3.09 -13.06
C HIS A 308 7.78 -4.27 -11.94
C HIS A 308 7.59 -3.81 -11.78
N GLY A 309 6.93 -5.15 -11.40
N GLY A 309 8.29 -4.92 -11.93
CA GLY A 309 7.34 -6.13 -10.42
CA GLY A 309 8.57 -5.88 -10.89
C GLY A 309 7.64 -7.49 -11.05
C GLY A 309 8.71 -7.25 -11.53
N ALA A 310 8.13 -8.40 -10.21
N ALA A 310 9.34 -8.16 -10.80
CA ALA A 310 8.55 -9.70 -10.72
CA ALA A 310 9.58 -9.49 -11.34
C ALA A 310 7.40 -10.43 -11.40
C ALA A 310 8.25 -10.18 -11.66
N GLY A 311 7.73 -11.12 -12.49
N GLY A 311 8.22 -10.89 -12.78
CA GLY A 311 6.75 -11.72 -13.35
CA GLY A 311 7.02 -11.59 -13.21
C GLY A 311 6.12 -10.79 -14.35
C GLY A 311 6.07 -10.76 -14.05
N GLY A 312 6.38 -9.48 -14.26
CA GLY A 312 5.64 -8.56 -15.11
C GLY A 312 4.19 -8.54 -14.71
N PHE A 313 3.33 -8.89 -15.66
N PHE A 313 3.31 -9.09 -15.56
CA PHE A 313 1.96 -9.23 -15.37
CA PHE A 313 1.87 -9.04 -15.35
C PHE A 313 1.87 -10.74 -15.26
C PHE A 313 1.24 -10.39 -14.99
N GLY A 314 0.86 -11.21 -14.54
N GLY A 314 2.04 -11.40 -14.64
CA GLY A 314 0.64 -12.62 -14.38
CA GLY A 314 1.53 -12.75 -14.47
C GLY A 314 0.78 -13.12 -12.95
C GLY A 314 1.18 -13.19 -13.07
N THR A 315 1.43 -12.36 -12.06
CA THR A 315 1.38 -12.72 -10.64
C THR A 315 0.64 -11.68 -9.80
N ILE A 316 1.09 -10.42 -9.85
CA ILE A 316 0.45 -9.36 -9.07
C ILE A 316 -1.00 -9.23 -9.48
N LEU A 317 -1.88 -9.04 -8.49
CA LEU A 317 -3.30 -8.82 -8.73
C LEU A 317 -3.61 -7.34 -8.59
N THR A 318 -4.48 -6.83 -9.47
CA THR A 318 -4.82 -5.40 -9.54
C THR A 318 -6.31 -5.27 -9.79
N PHE A 319 -6.79 -4.02 -9.84
CA PHE A 319 -8.21 -3.79 -10.13
C PHE A 319 -8.62 -4.32 -11.50
N PHE A 320 -7.66 -4.54 -12.41
CA PHE A 320 -7.99 -5.16 -13.70
C PHE A 320 -8.40 -6.62 -13.54
N GLU A 321 -7.99 -7.27 -12.44
CA GLU A 321 -8.42 -8.62 -12.14
C GLU A 321 -9.30 -8.57 -10.89
N ALA A 322 -10.43 -7.87 -10.99
CA ALA A 322 -11.13 -7.39 -9.80
C ALA A 322 -11.59 -8.51 -8.87
N ASN A 323 -12.13 -9.60 -9.42
CA ASN A 323 -12.67 -10.65 -8.55
C ASN A 323 -11.56 -11.30 -7.74
N MET A 324 -10.46 -11.70 -8.40
N MET A 324 -10.47 -11.70 -8.40
CA MET A 324 -9.34 -12.27 -7.66
CA MET A 324 -9.32 -12.26 -7.68
C MET A 324 -8.70 -11.24 -6.74
C MET A 324 -8.73 -11.24 -6.74
N TYR A 325 -8.65 -9.98 -7.17
CA TYR A 325 -8.09 -8.91 -6.35
C TYR A 325 -8.86 -8.75 -5.04
N LYS A 326 -10.20 -8.79 -5.12
CA LYS A 326 -11.01 -8.73 -3.91
C LYS A 326 -10.78 -9.94 -3.00
N ILE A 327 -10.61 -11.13 -3.57
CA ILE A 327 -10.36 -12.31 -2.75
C ILE A 327 -9.05 -12.14 -1.99
N ALA A 328 -7.99 -11.73 -2.70
CA ALA A 328 -6.69 -11.56 -2.06
C ALA A 328 -6.73 -10.46 -1.00
N THR A 329 -7.40 -9.34 -1.29
CA THR A 329 -7.47 -8.27 -0.31
C THR A 329 -8.30 -8.67 0.90
N ALA A 330 -9.40 -9.41 0.69
CA ALA A 330 -10.20 -9.85 1.83
C ALA A 330 -9.39 -10.75 2.75
N PHE A 331 -8.63 -11.68 2.17
CA PHE A 331 -7.76 -12.52 2.99
C PHE A 331 -6.76 -11.68 3.77
N GLU A 332 -6.09 -10.76 3.08
CA GLU A 332 -5.09 -9.91 3.71
C GLU A 332 -5.69 -9.13 4.89
N LEU A 333 -6.92 -8.64 4.74
CA LEU A 333 -7.56 -7.84 5.78
C LEU A 333 -8.06 -8.71 6.93
N ALA A 334 -8.49 -9.95 6.65
CA ALA A 334 -8.98 -10.83 7.70
C ALA A 334 -7.86 -11.49 8.48
N TRP A 335 -6.69 -11.63 7.89
CA TRP A 335 -5.54 -12.26 8.52
C TRP A 335 -4.91 -11.32 9.55
N ASP A 336 -3.94 -11.82 10.31
CA ASP A 336 -3.19 -10.98 11.26
C ASP A 336 -1.73 -11.05 10.84
N TYR A 337 -1.34 -10.12 9.98
CA TYR A 337 0.04 -10.06 9.49
C TYR A 337 0.31 -8.73 8.82
N GLY A 338 1.12 -7.89 9.44
CA GLY A 338 1.61 -6.68 8.81
C GLY A 338 0.66 -5.50 8.94
N HIS A 339 1.19 -4.31 8.64
CA HIS A 339 0.42 -3.09 8.55
C HIS A 339 -0.12 -3.01 7.13
N VAL A 340 -1.45 -3.02 6.98
CA VAL A 340 -2.08 -3.16 5.66
C VAL A 340 -2.27 -1.81 4.98
N ARG A 341 -1.79 -1.70 3.74
CA ARG A 341 -2.04 -0.55 2.87
C ARG A 341 -2.85 -1.01 1.67
N LEU A 342 -3.94 -0.29 1.36
CA LEU A 342 -4.71 -0.55 0.14
C LEU A 342 -4.32 0.45 -0.94
N MET A 343 -4.02 -0.06 -2.13
CA MET A 343 -3.85 0.80 -3.29
C MET A 343 -5.19 1.44 -3.67
N SER A 344 -5.13 2.67 -4.16
CA SER A 344 -6.32 3.32 -4.75
C SER A 344 -5.86 3.96 -6.04
N SER A 345 -6.46 3.54 -7.16
CA SER A 345 -5.87 3.69 -8.49
C SER A 345 -6.69 4.61 -9.38
N TYR A 346 -6.07 4.98 -10.50
CA TYR A 346 -6.84 5.51 -11.62
C TYR A 346 -6.72 4.57 -12.80
N ASN A 347 -7.70 4.67 -13.71
CA ASN A 347 -7.70 3.88 -14.94
C ASN A 347 -6.75 4.49 -15.97
N TRP A 348 -6.15 3.63 -16.78
CA TRP A 348 -5.31 4.09 -17.89
C TRP A 348 -5.35 3.04 -18.98
N PRO A 349 -4.94 3.39 -20.24
CA PRO A 349 -5.09 2.41 -21.34
C PRO A 349 -3.98 1.37 -21.35
N ARG A 350 -3.96 0.53 -20.30
CA ARG A 350 -2.98 -0.54 -20.22
C ARG A 350 -2.99 -1.36 -21.51
N ASN A 351 -1.81 -1.55 -22.08
CA ASN A 351 -1.65 -2.12 -23.43
C ASN A 351 -0.41 -3.03 -23.39
N ILE A 352 -0.63 -4.30 -23.03
CA ILE A 352 0.49 -5.21 -22.82
C ILE A 352 0.91 -5.80 -24.16
N VAL A 353 2.14 -5.51 -24.56
CA VAL A 353 2.74 -6.01 -25.79
C VAL A 353 4.04 -6.68 -25.41
N ASN A 354 4.16 -7.96 -25.71
CA ASN A 354 5.35 -8.74 -25.34
C ASN A 354 5.64 -8.60 -23.85
N GLY A 355 4.57 -8.62 -23.05
CA GLY A 355 4.70 -8.62 -21.60
C GLY A 355 4.95 -7.28 -20.97
N VAL A 356 4.98 -6.19 -21.74
CA VAL A 356 5.27 -4.86 -21.23
C VAL A 356 4.12 -3.93 -21.64
N ASP A 357 3.64 -3.13 -20.71
CA ASP A 357 2.59 -2.16 -20.97
C ASP A 357 3.19 -0.96 -21.69
N THR A 358 2.84 -0.76 -22.96
CA THR A 358 3.38 0.37 -23.71
C THR A 358 2.91 1.70 -23.16
N ASN A 359 1.83 1.71 -22.40
CA ASN A 359 1.22 2.94 -21.92
C ASN A 359 1.35 3.06 -20.41
N ASP A 360 2.36 2.40 -19.84
CA ASP A 360 2.52 2.42 -18.39
C ASP A 360 2.95 3.79 -17.87
N TRP A 361 3.25 4.75 -18.75
CA TRP A 361 3.64 6.09 -18.36
C TRP A 361 2.45 7.01 -18.08
N VAL A 362 1.25 6.64 -18.52
CA VAL A 362 0.14 7.60 -18.55
C VAL A 362 -0.18 8.09 -17.15
N GLY A 363 -0.30 9.41 -17.02
CA GLY A 363 -0.59 10.05 -15.75
C GLY A 363 -2.06 9.99 -15.38
N PRO A 364 -2.42 10.69 -14.32
CA PRO A 364 -3.79 10.61 -13.79
C PRO A 364 -4.77 11.28 -14.72
N PRO A 365 -6.07 11.07 -14.49
CA PRO A 365 -7.09 11.75 -15.31
C PRO A 365 -6.84 13.25 -15.38
N THR A 366 -6.88 13.78 -16.61
CA THR A 366 -6.40 15.13 -16.86
C THR A 366 -7.20 15.73 -18.01
N ASN A 367 -7.38 17.05 -17.96
CA ASN A 367 -7.93 17.80 -19.10
C ASN A 367 -6.86 18.43 -19.95
N GLY A 368 -5.59 18.25 -19.59
CA GLY A 368 -4.48 18.81 -20.32
C GLY A 368 -3.62 19.72 -19.46
N GLY A 369 -2.48 20.10 -20.02
CA GLY A 369 -1.60 21.02 -19.36
C GLY A 369 -0.97 20.50 -18.10
N GLY A 370 -1.07 19.20 -17.83
CA GLY A 370 -0.50 18.68 -16.59
C GLY A 370 -1.38 18.82 -15.38
N ASP A 371 -2.62 19.30 -15.54
N ASP A 371 -2.63 19.28 -15.55
CA ASP A 371 -3.51 19.34 -14.40
CA ASP A 371 -3.56 19.34 -14.44
C ASP A 371 -4.03 17.94 -14.09
C ASP A 371 -4.05 17.93 -14.10
N THR A 372 -4.69 17.81 -12.94
CA THR A 372 -5.37 16.59 -12.54
C THR A 372 -6.83 16.91 -12.30
N LYS A 373 -7.71 16.10 -12.84
N LYS A 373 -7.71 16.08 -12.82
CA LYS A 373 -9.15 16.27 -12.63
CA LYS A 373 -9.16 16.30 -12.67
C LYS A 373 -9.50 16.12 -11.16
C LYS A 373 -9.61 15.98 -11.24
N ASP A 374 -10.65 16.68 -10.80
CA ASP A 374 -11.29 16.36 -9.52
C ASP A 374 -11.71 14.90 -9.54
N VAL A 375 -11.54 14.22 -8.41
CA VAL A 375 -11.93 12.82 -8.32
C VAL A 375 -13.45 12.69 -8.39
N GLU A 376 -13.92 11.73 -9.19
CA GLU A 376 -15.28 11.23 -9.09
CA GLU A 376 -15.28 11.23 -9.09
C GLU A 376 -15.21 9.72 -9.12
N CYS A 377 -15.43 9.09 -7.98
CA CYS A 377 -15.24 7.65 -7.88
C CYS A 377 -16.20 6.89 -8.78
N PHE A 378 -15.69 5.83 -9.40
CA PHE A 378 -16.44 4.85 -10.19
C PHE A 378 -16.90 5.40 -11.53
N ASN A 379 -16.30 6.49 -12.00
CA ASN A 379 -16.69 7.10 -13.28
C ASN A 379 -15.90 6.54 -14.46
N GLY A 380 -15.19 5.42 -14.29
CA GLY A 380 -14.35 4.87 -15.32
C GLY A 380 -12.96 5.44 -15.38
N GLU A 381 -12.68 6.52 -14.66
CA GLU A 381 -11.36 7.12 -14.58
C GLU A 381 -10.72 6.94 -13.21
N TRP A 382 -11.48 7.13 -12.13
CA TRP A 382 -10.99 6.89 -10.77
C TRP A 382 -11.57 5.59 -10.24
N ILE A 383 -10.69 4.67 -9.82
CA ILE A 383 -11.13 3.33 -9.45
C ILE A 383 -11.68 3.29 -8.03
N CYS A 384 -11.01 4.00 -7.12
CA CYS A 384 -11.42 4.12 -5.71
C CYS A 384 -11.65 2.77 -5.04
N GLU A 385 -10.64 1.88 -5.14
CA GLU A 385 -10.72 0.56 -4.50
C GLU A 385 -11.11 0.66 -3.03
N HIS A 386 -10.62 1.69 -2.34
CA HIS A 386 -10.90 1.80 -0.91
C HIS A 386 -12.37 2.08 -0.62
N ARG A 387 -13.12 2.53 -1.63
CA ARG A 387 -14.57 2.75 -1.51
C ARG A 387 -15.40 1.57 -1.99
N TRP A 388 -14.78 0.51 -2.52
CA TRP A 388 -15.53 -0.69 -2.86
C TRP A 388 -16.09 -1.32 -1.59
N ARG A 389 -17.36 -1.74 -1.64
CA ARG A 389 -17.99 -2.30 -0.44
C ARG A 389 -17.23 -3.51 0.08
N GLU A 390 -16.78 -4.39 -0.83
CA GLU A 390 -16.03 -5.56 -0.39
C GLU A 390 -14.76 -5.17 0.35
N MET A 391 -14.15 -4.05 -0.04
N MET A 391 -14.16 -4.03 -0.02
CA MET A 391 -12.96 -3.56 0.65
CA MET A 391 -12.96 -3.55 0.64
C MET A 391 -13.32 -2.95 2.01
C MET A 391 -13.28 -2.92 1.98
N TYR A 392 -14.16 -1.90 2.00
CA TYR A 392 -14.36 -1.20 3.26
C TYR A 392 -15.14 -2.04 4.27
N ASN A 393 -15.98 -2.99 3.82
CA ASN A 393 -16.58 -3.88 4.81
C ASN A 393 -15.56 -4.87 5.38
N MET A 394 -14.56 -5.26 4.59
CA MET A 394 -13.49 -6.06 5.17
C MET A 394 -12.53 -5.24 6.02
N VAL A 395 -12.43 -3.92 5.78
CA VAL A 395 -11.72 -3.06 6.71
C VAL A 395 -12.45 -3.02 8.05
N ARG A 396 -13.79 -2.90 8.02
CA ARG A 396 -14.56 -2.98 9.27
C ARG A 396 -14.37 -4.32 9.96
N PHE A 397 -14.39 -5.43 9.21
CA PHE A 397 -14.10 -6.76 9.77
C PHE A 397 -12.73 -6.76 10.43
N HIS A 398 -11.73 -6.26 9.71
CA HIS A 398 -10.36 -6.16 10.24
C HIS A 398 -10.32 -5.37 11.54
N ASN A 399 -11.09 -4.27 11.61
CA ASN A 399 -11.07 -3.43 12.81
C ASN A 399 -11.72 -4.15 13.98
N VAL A 400 -12.86 -4.81 13.75
CA VAL A 400 -13.53 -5.52 14.82
C VAL A 400 -12.67 -6.66 15.33
N ALA A 401 -11.87 -7.26 14.45
CA ALA A 401 -11.02 -8.41 14.78
C ALA A 401 -9.71 -8.04 15.45
N ILE A 402 -9.38 -6.74 15.52
N ILE A 402 -9.39 -6.75 15.53
CA ILE A 402 -8.09 -6.28 16.04
CA ILE A 402 -8.09 -6.32 16.03
C ILE A 402 -7.81 -6.90 17.41
C ILE A 402 -7.83 -6.96 17.39
N GLY A 403 -6.63 -7.50 17.56
CA GLY A 403 -6.22 -8.09 18.81
C GLY A 403 -6.60 -9.55 19.00
N ASN A 404 -7.33 -10.12 18.08
CA ASN A 404 -7.68 -11.51 18.20
C ASN A 404 -6.81 -12.36 17.29
N PRO A 405 -6.37 -13.54 17.73
CA PRO A 405 -5.57 -14.41 16.86
C PRO A 405 -6.46 -15.10 15.84
N VAL A 406 -5.81 -15.69 14.85
CA VAL A 406 -6.50 -16.57 13.92
C VAL A 406 -6.94 -17.83 14.67
N SER A 407 -8.19 -18.23 14.47
N SER A 407 -8.21 -18.20 14.50
CA SER A 407 -8.72 -19.39 15.18
CA SER A 407 -8.82 -19.33 15.19
C SER A 407 -9.69 -20.13 14.26
C SER A 407 -9.59 -20.17 14.18
N ASN A 408 -9.93 -21.40 14.59
CA ASN A 408 -10.91 -22.22 13.89
C ASN A 408 -10.61 -22.34 12.39
N TRP A 409 -9.33 -22.51 12.06
CA TRP A 409 -8.94 -22.73 10.68
C TRP A 409 -9.55 -24.01 10.14
N TRP A 410 -10.04 -23.94 8.90
CA TRP A 410 -10.48 -25.10 8.14
C TRP A 410 -10.04 -24.94 6.70
N ASP A 411 -9.75 -26.05 6.04
CA ASP A 411 -9.58 -26.03 4.60
C ASP A 411 -9.99 -27.38 4.05
N ASN A 412 -10.23 -27.44 2.75
N ASN A 412 -10.24 -27.40 2.74
CA ASN A 412 -10.63 -28.69 2.11
CA ASN A 412 -10.63 -28.60 2.02
C ASN A 412 -9.45 -29.40 1.44
C ASN A 412 -9.45 -29.24 1.29
N GLY A 413 -8.22 -28.95 1.71
CA GLY A 413 -7.04 -29.46 1.06
C GLY A 413 -6.66 -28.76 -0.24
N PHE A 414 -7.56 -27.96 -0.83
CA PHE A 414 -7.26 -27.35 -2.12
C PHE A 414 -7.58 -25.86 -2.16
N GLN A 415 -8.74 -25.46 -2.69
CA GLN A 415 -8.98 -24.06 -2.95
C GLN A 415 -10.09 -23.46 -2.09
N ALA A 416 -10.44 -24.08 -0.97
CA ALA A 416 -11.37 -23.49 -0.02
C ALA A 416 -10.75 -23.47 1.37
N ILE A 417 -10.86 -22.31 2.05
CA ILE A 417 -10.41 -22.15 3.42
C ILE A 417 -11.46 -21.36 4.19
N ALA A 418 -11.35 -21.43 5.51
CA ALA A 418 -12.18 -20.62 6.38
C ALA A 418 -11.44 -20.49 7.70
N PHE A 419 -11.67 -19.36 8.38
CA PHE A 419 -11.04 -19.15 9.67
C PHE A 419 -11.72 -17.97 10.36
N GLY A 420 -11.53 -17.90 11.66
CA GLY A 420 -12.08 -16.83 12.46
C GLY A 420 -10.98 -16.00 13.10
N ARG A 421 -11.41 -14.94 13.78
CA ARG A 421 -10.53 -14.10 14.58
C ARG A 421 -11.14 -14.07 15.97
N GLY A 422 -10.64 -14.94 16.86
CA GLY A 422 -11.25 -15.10 18.17
C GLY A 422 -12.75 -15.30 18.07
N ASN A 423 -13.50 -14.56 18.90
CA ASN A 423 -14.95 -14.62 18.87
C ASN A 423 -15.57 -13.41 18.18
N ARG A 424 -14.82 -12.78 17.26
CA ARG A 424 -15.26 -11.52 16.66
C ARG A 424 -15.67 -11.61 15.21
N GLY A 425 -15.04 -12.47 14.42
CA GLY A 425 -15.39 -12.56 13.02
C GLY A 425 -14.96 -13.89 12.43
N PHE A 426 -15.58 -14.23 11.31
CA PHE A 426 -15.28 -15.48 10.63
C PHE A 426 -15.45 -15.27 9.14
N ILE A 427 -14.56 -15.85 8.32
CA ILE A 427 -14.63 -15.71 6.88
C ILE A 427 -14.46 -17.08 6.24
N PHE A 428 -15.23 -17.31 5.17
CA PHE A 428 -15.17 -18.52 4.35
C PHE A 428 -14.86 -18.09 2.91
N ILE A 429 -13.79 -18.64 2.33
CA ILE A 429 -13.37 -18.27 0.99
C ILE A 429 -13.40 -19.51 0.12
N ASN A 430 -14.20 -19.49 -0.93
N ASN A 430 -14.27 -19.51 -0.89
CA ASN A 430 -14.32 -20.64 -1.82
CA ASN A 430 -14.34 -20.58 -1.88
C ASN A 430 -13.74 -20.26 -3.18
C ASN A 430 -13.67 -20.09 -3.15
N ASN A 431 -12.47 -20.60 -3.41
CA ASN A 431 -11.82 -20.32 -4.68
C ASN A 431 -11.84 -21.55 -5.60
N GLU A 432 -12.72 -22.52 -5.31
N GLU A 432 -12.82 -22.43 -5.45
CA GLU A 432 -12.99 -23.71 -6.10
CA GLU A 432 -13.00 -23.46 -6.46
C GLU A 432 -13.99 -23.37 -7.21
C GLU A 432 -13.78 -22.92 -7.66
N ASP A 433 -14.12 -24.29 -8.16
N ASP A 433 -13.58 -23.56 -8.82
CA ASP A 433 -15.07 -24.13 -9.26
CA ASP A 433 -14.39 -23.27 -10.00
C ASP A 433 -16.36 -24.92 -9.03
C ASP A 433 -15.73 -23.99 -9.99
N PHE A 434 -16.70 -25.12 -7.76
N PHE A 434 -16.18 -24.40 -8.80
CA PHE A 434 -17.96 -25.76 -7.39
CA PHE A 434 -17.49 -25.02 -8.61
C PHE A 434 -18.41 -25.17 -6.05
C PHE A 434 -18.07 -24.50 -7.30
N ALA A 435 -19.71 -25.27 -5.80
N ALA A 435 -19.39 -24.59 -7.19
CA ALA A 435 -20.29 -24.74 -4.57
CA ALA A 435 -20.07 -24.09 -6.00
C ALA A 435 -20.05 -25.69 -3.41
C ALA A 435 -19.79 -24.99 -4.81
N ILE A 436 -20.02 -25.12 -2.20
N ILE A 436 -19.76 -24.39 -3.62
CA ILE A 436 -19.74 -25.86 -0.97
CA ILE A 436 -19.47 -25.11 -2.39
C ILE A 436 -20.82 -25.57 0.06
C ILE A 436 -20.46 -24.68 -1.32
N THR A 437 -21.26 -26.61 0.75
N THR A 437 -20.95 -25.65 -0.54
CA THR A 437 -22.12 -26.50 1.93
CA THR A 437 -21.84 -25.41 0.57
C THR A 437 -21.37 -27.18 3.07
C THR A 437 -21.34 -26.24 1.74
N GLN A 438 -21.01 -26.40 4.09
N GLN A 438 -20.85 -25.58 2.79
CA GLN A 438 -20.12 -26.89 5.13
CA GLN A 438 -20.27 -26.28 3.93
C GLN A 438 -20.46 -26.26 6.48
C GLN A 438 -20.75 -25.65 5.23
N THR A 439 -20.62 -27.09 7.51
N THR A 439 -20.78 -26.48 6.27
CA THR A 439 -20.86 -26.63 8.88
CA THR A 439 -21.24 -26.10 7.61
C THR A 439 -19.54 -26.60 9.64
C THR A 439 -20.06 -26.23 8.57
N LEU A 440 -19.21 -25.46 10.26
N LEU A 440 -19.66 -25.12 9.19
CA LEU A 440 -17.94 -25.28 10.94
CA LEU A 440 -18.41 -25.04 9.94
C LEU A 440 -18.11 -24.53 12.25
C LEU A 440 -18.60 -24.35 11.29
N GLN A 441 -17.21 -24.79 13.19
N GLN A 441 -17.71 -24.68 12.23
CA GLN A 441 -17.11 -23.96 14.39
CA GLN A 441 -17.62 -23.97 13.49
C GLN A 441 -16.60 -22.58 13.97
C GLN A 441 -16.97 -22.60 13.30
N THR A 442 -17.49 -21.58 14.01
CA THR A 442 -17.11 -20.19 13.75
C THR A 442 -16.48 -19.47 14.93
N GLY A 443 -16.63 -19.97 16.15
CA GLY A 443 -16.19 -19.25 17.32
C GLY A 443 -17.03 -18.06 17.72
N LEU A 444 -18.13 -17.75 16.97
CA LEU A 444 -18.97 -16.59 17.19
C LEU A 444 -20.17 -16.93 18.07
N PRO A 445 -20.71 -15.95 18.79
CA PRO A 445 -21.95 -16.21 19.54
C PRO A 445 -23.13 -16.47 18.63
N GLY A 446 -24.04 -17.32 19.09
CA GLY A 446 -25.20 -17.65 18.30
C GLY A 446 -26.02 -16.42 17.96
N GLY A 447 -26.59 -16.43 16.77
CA GLY A 447 -27.37 -15.31 16.31
C GLY A 447 -27.46 -15.27 14.79
N GLU A 448 -28.10 -14.21 14.31
CA GLU A 448 -28.29 -13.98 12.89
C GLU A 448 -27.25 -12.97 12.40
N TYR A 449 -26.49 -13.35 11.38
CA TYR A 449 -25.45 -12.50 10.82
C TYR A 449 -25.69 -12.30 9.33
N CYS A 450 -25.25 -11.15 8.83
CA CYS A 450 -25.26 -10.85 7.41
C CYS A 450 -23.87 -11.03 6.82
N ASP A 451 -23.81 -11.54 5.59
CA ASP A 451 -22.56 -11.59 4.84
C ASP A 451 -22.14 -10.17 4.45
N VAL A 452 -21.06 -9.66 5.05
CA VAL A 452 -20.68 -8.28 4.77
C VAL A 452 -19.94 -8.14 3.44
N ILE A 453 -19.63 -9.25 2.77
CA ILE A 453 -19.12 -9.13 1.40
C ILE A 453 -20.21 -8.65 0.47
N SER A 454 -21.42 -9.21 0.58
CA SER A 454 -22.54 -8.89 -0.30
C SER A 454 -23.53 -7.88 0.28
N CYS A 455 -23.61 -7.75 1.61
CA CYS A 455 -24.61 -6.93 2.28
C CYS A 455 -23.96 -5.69 2.90
N ASP A 456 -24.81 -4.76 3.33
CA ASP A 456 -24.32 -3.49 3.82
C ASP A 456 -23.96 -3.56 5.31
N ASN A 457 -24.75 -4.28 6.09
CA ASN A 457 -24.67 -4.30 7.54
C ASN A 457 -24.27 -5.69 8.02
N ASN A 458 -23.88 -5.79 9.30
CA ASN A 458 -23.44 -7.06 9.85
C ASN A 458 -24.57 -7.86 10.50
N ARG A 459 -25.73 -7.25 10.73
CA ARG A 459 -26.89 -7.86 11.36
C ARG A 459 -28.13 -7.41 10.60
N PRO A 460 -29.20 -8.23 10.60
CA PRO A 460 -30.45 -7.85 9.94
C PRO A 460 -31.03 -6.58 10.55
N PRO A 461 -31.61 -5.69 9.73
CA PRO A 461 -31.73 -5.82 8.26
C PRO A 461 -30.38 -5.70 7.56
N CYS A 462 -30.11 -6.61 6.63
CA CYS A 462 -28.77 -6.75 6.08
C CYS A 462 -28.40 -5.61 5.12
N GLY A 463 -29.37 -5.03 4.42
CA GLY A 463 -29.08 -3.96 3.48
C GLY A 463 -28.58 -4.47 2.15
N ASN A 464 -29.21 -4.06 1.06
CA ASN A 464 -29.02 -4.64 -0.27
C ASN A 464 -28.60 -3.60 -1.29
N SER A 465 -27.78 -2.62 -0.88
CA SER A 465 -27.40 -1.54 -1.78
C SER A 465 -26.70 -2.05 -3.02
N GLY A 466 -25.99 -3.19 -2.92
CA GLY A 466 -25.33 -3.77 -4.06
C GLY A 466 -26.18 -4.69 -4.89
N GLY A 467 -27.38 -5.05 -4.41
CA GLY A 467 -28.32 -5.83 -5.17
C GLY A 467 -28.18 -7.33 -5.04
N ALA A 468 -27.10 -7.82 -4.42
CA ALA A 468 -26.87 -9.25 -4.36
C ALA A 468 -26.62 -9.72 -2.93
N CYS A 469 -27.16 -9.01 -1.94
CA CYS A 469 -26.98 -9.38 -0.53
C CYS A 469 -27.53 -10.78 -0.28
N ARG A 470 -26.69 -11.64 0.27
N ARG A 470 -26.69 -11.64 0.26
CA ARG A 470 -27.03 -13.04 0.45
CA ARG A 470 -27.04 -13.04 0.45
C ARG A 470 -27.96 -13.23 1.65
C ARG A 470 -27.99 -13.22 1.63
N ALA A 471 -28.55 -14.43 1.70
CA ALA A 471 -29.41 -14.79 2.83
C ALA A 471 -28.59 -14.78 4.12
N THR A 472 -29.27 -14.48 5.22
CA THR A 472 -28.57 -14.36 6.50
C THR A 472 -27.99 -15.71 6.91
N VAL A 473 -26.84 -15.64 7.58
CA VAL A 473 -26.15 -16.81 8.11
C VAL A 473 -26.57 -17.00 9.56
N ILE A 474 -27.03 -18.19 9.89
CA ILE A 474 -27.43 -18.52 11.26
C ILE A 474 -26.28 -19.21 11.96
N VAL A 475 -25.76 -18.59 13.00
CA VAL A 475 -24.82 -19.26 13.89
C VAL A 475 -25.63 -19.92 15.00
N ASN A 476 -25.52 -21.24 15.09
CA ASN A 476 -26.24 -22.01 16.11
C ASN A 476 -25.69 -21.70 17.50
N GLY A 477 -26.40 -22.22 18.51
CA GLY A 477 -25.98 -22.01 19.89
C GLY A 477 -24.58 -22.53 20.15
N ASP A 478 -24.21 -23.63 19.50
CA ASP A 478 -22.89 -24.22 19.65
C ASP A 478 -21.82 -23.52 18.82
N GLY A 479 -22.14 -22.42 18.15
CA GLY A 479 -21.19 -21.68 17.36
C GLY A 479 -20.94 -22.19 15.96
N THR A 480 -21.34 -23.42 15.69
N THR A 480 -21.70 -23.17 15.45
CA THR A 480 -21.26 -23.93 14.34
CA THR A 480 -21.58 -23.57 14.04
C THR A 480 -22.25 -23.13 13.51
C THR A 480 -22.53 -22.80 13.11
N ALA A 481 -21.85 -22.88 12.28
N ALA A 481 -22.26 -22.89 11.79
CA ALA A 481 -22.74 -22.30 11.29
CA ALA A 481 -23.05 -22.17 10.78
C ALA A 481 -22.61 -23.17 10.05
C ALA A 481 -22.79 -22.74 9.37
N THR A 482 -23.70 -23.26 9.31
N THR A 482 -23.74 -22.49 8.46
CA THR A 482 -23.68 -23.92 8.00
CA THR A 482 -23.71 -23.02 7.11
C THR A 482 -23.47 -22.86 6.94
C THR A 482 -23.39 -21.93 6.08
N PHE A 483 -22.38 -22.96 6.21
N PHE A 483 -22.40 -22.20 5.24
CA PHE A 483 -22.02 -22.01 5.18
CA PHE A 483 -21.94 -21.24 4.24
C PHE A 483 -22.39 -22.60 3.83
C PHE A 483 -22.23 -21.81 2.84
N ASP A 484 -23.27 -21.93 3.10
N ASP A 484 -23.29 -21.32 2.23
CA ASP A 484 -23.54 -22.26 1.70
CA ASP A 484 -23.62 -21.67 0.84
C ASP A 484 -22.80 -21.22 0.88
C ASP A 484 -22.91 -20.66 -0.04
N VAL A 485 -21.67 -21.62 0.32
N VAL A 485 -21.76 -21.07 -0.59
CA VAL A 485 -20.76 -20.68 -0.33
CA VAL A 485 -20.92 -20.15 -1.34
C VAL A 485 -20.65 -21.01 -1.82
C VAL A 485 -20.80 -20.65 -2.77
N PRO A 486 -21.10 -20.12 -2.70
N PRO A 486 -21.74 -20.31 -3.65
CA PRO A 486 -21.05 -20.40 -4.13
CA PRO A 486 -21.55 -20.61 -5.07
C PRO A 486 -19.67 -20.06 -4.73
C PRO A 486 -20.22 -20.07 -5.56
N ASN A 487 -19.48 -20.52 -5.95
N ASN A 487 -19.54 -20.85 -6.38
CA ASN A 487 -18.30 -20.21 -6.75
CA ASN A 487 -18.31 -20.33 -6.98
C ASN A 487 -18.61 -19.11 -7.76
C ASN A 487 -18.62 -19.10 -7.81
N GLY A 488 -17.56 -18.41 -8.19
CA GLY A 488 -17.74 -17.30 -9.12
C GLY A 488 -17.47 -15.94 -8.52
N GLU A 489 -18.39 -15.00 -8.74
N GLU A 489 -18.38 -14.99 -8.75
CA GLU A 489 -18.19 -13.62 -8.30
CA GLU A 489 -18.18 -13.62 -8.31
C GLU A 489 -18.39 -13.51 -6.80
C GLU A 489 -18.39 -13.50 -6.80
N ASN A 490 -17.47 -12.80 -6.14
CA ASN A 490 -17.45 -12.63 -4.68
C ASN A 490 -17.75 -13.95 -3.95
N PRO A 491 -16.92 -15.00 -4.19
CA PRO A 491 -17.19 -16.34 -3.66
C PRO A 491 -16.71 -16.49 -2.23
N MET A 492 -17.18 -15.61 -1.35
N MET A 492 -17.16 -15.60 -1.36
CA MET A 492 -16.71 -15.60 0.03
CA MET A 492 -16.77 -15.55 0.03
C MET A 492 -17.81 -15.01 0.90
C MET A 492 -17.97 -15.16 0.87
N ILE A 493 -17.90 -15.51 2.14
CA ILE A 493 -18.85 -15.02 3.12
C ILE A 493 -18.04 -14.59 4.33
N ALA A 494 -18.31 -13.37 4.82
CA ALA A 494 -17.64 -12.87 6.01
C ALA A 494 -18.72 -12.37 6.97
N ILE A 495 -18.64 -12.80 8.22
CA ILE A 495 -19.59 -12.39 9.25
C ILE A 495 -18.81 -11.92 10.47
N HIS A 496 -19.38 -10.96 11.20
CA HIS A 496 -18.68 -10.48 12.38
C HIS A 496 -19.64 -9.78 13.32
N VAL A 497 -19.20 -9.61 14.56
CA VAL A 497 -19.98 -8.89 15.56
C VAL A 497 -19.74 -7.39 15.45
N PHE A 498 -20.53 -6.62 16.18
CA PHE A 498 -20.48 -5.18 16.28
C PHE A 498 -19.26 -4.72 17.07
N LEU A 499 -18.77 -3.53 16.71
CA LEU A 499 -17.60 -2.91 17.36
C LEU A 499 -17.63 -2.99 18.89
CA CA B . 21.86 5.94 -3.94
CL CL C . 5.76 1.07 -1.96
S SO4 D . -11.32 -11.29 -12.50
S SO4 D . -10.89 -11.84 -12.49
O1 SO4 D . -12.38 -10.29 -12.33
O1 SO4 D . -12.00 -10.89 -12.39
O2 SO4 D . -10.44 -10.90 -13.59
O2 SO4 D . -10.00 -11.46 -13.58
O3 SO4 D . -10.54 -11.40 -11.27
O3 SO4 D . -10.16 -11.85 -11.24
O4 SO4 D . -11.92 -12.60 -12.80
O4 SO4 D . -11.42 -13.18 -12.74
S SO4 E . 21.71 10.42 -19.17
S SO4 E . 21.99 10.26 -19.37
O1 SO4 E . 20.32 10.32 -19.61
O1 SO4 E . 20.86 9.78 -18.59
O2 SO4 E . 22.11 11.82 -19.11
O2 SO4 E . 21.82 11.68 -19.66
O3 SO4 E . 21.84 9.81 -17.85
O3 SO4 E . 23.24 10.07 -18.62
O4 SO4 E . 22.58 9.72 -20.12
O4 SO4 E . 22.07 9.52 -20.63
S SO4 F . 28.25 8.17 9.53
O1 SO4 F . 27.80 7.60 8.27
O2 SO4 F . 28.32 9.63 9.44
O3 SO4 F . 27.31 7.80 10.59
O4 SO4 F . 29.58 7.64 9.85
C ACT G . 11.68 5.98 -8.22
O ACT G . 11.96 7.00 -7.57
OXT ACT G . 11.69 4.91 -7.56
CH3 ACT G . 11.37 6.05 -9.67
C ACT H . -8.15 -22.82 17.05
O ACT H . -8.82 -22.03 17.76
OXT ACT H . -8.78 -23.71 16.46
CH3 ACT H . -6.65 -22.68 16.92
C TRS I . -7.56 22.51 -7.41
C1 TRS I . -6.46 23.58 -7.49
C2 TRS I . -7.94 22.04 -8.81
C3 TRS I . -8.78 23.04 -6.69
N TRS I . -7.06 21.37 -6.65
O1 TRS I . -6.86 24.67 -8.30
O2 TRS I . -6.83 22.07 -9.68
O3 TRS I . -9.92 22.44 -7.27
O1 PG4 J . 10.55 9.61 -23.85
C1 PG4 J . 9.53 9.26 -24.73
C2 PG4 J . 8.54 8.31 -24.04
O2 PG4 J . 7.33 8.29 -24.73
C3 PG4 J . 6.57 7.14 -24.49
C4 PG4 J . 5.19 7.29 -25.14
O3 PG4 J . 5.35 7.55 -26.50
C5 PG4 J . 4.21 8.09 -27.12
C6 PG4 J . 4.41 8.08 -28.63
O4 PG4 J . 4.53 6.76 -29.08
C7 PG4 J . 4.90 6.67 -30.42
C8 PG4 J . 5.18 5.22 -30.80
O5 PG4 J . 6.13 4.68 -29.93
C1 EDO K . -0.30 31.48 -1.18
O1 EDO K . -0.25 32.31 -0.01
C2 EDO K . -1.62 30.72 -1.24
O2 EDO K . -1.71 30.02 -2.50
C1 EDO L . -11.76 -1.32 -15.08
O1 EDO L . -10.95 -1.58 -16.23
C2 EDO L . -12.53 -0.03 -15.33
O2 EDO L . -13.60 0.09 -14.38
C1 EDO M . 17.29 -15.07 1.22
O1 EDO M . 17.27 -13.68 0.87
C2 EDO M . 17.17 -15.91 -0.05
O2 EDO M . 17.45 -15.09 -1.19
C1 PGE N . 13.28 3.48 -12.08
O1 PGE N . 13.15 2.56 -13.16
C2 PGE N . 12.82 4.85 -12.55
O2 PGE N . 13.57 5.30 -13.65
C3 PGE N . 12.96 6.43 -14.26
C4 PGE N . 13.91 7.04 -15.28
O4 PGE N . 10.50 5.69 -17.78
C6 PGE N . 11.50 6.70 -17.88
C5 PGE N . 11.83 7.16 -16.48
O3 PGE N . 13.20 7.54 -16.41
O1 PG4 O . -11.27 19.33 -12.52
C1 PG4 O . -12.41 18.51 -12.61
C2 PG4 O . -12.94 18.56 -14.04
O2 PG4 O . -13.26 17.27 -14.48
C3 PG4 O . -13.11 17.16 -15.88
C4 PG4 O . -14.46 16.94 -16.56
O3 PG4 O . -14.38 15.83 -17.41
C5 PG4 O . -15.00 16.01 -18.65
C6 PG4 O . -15.52 14.68 -19.18
O4 PG4 O . -16.85 14.82 -19.58
C7 PG4 O . -17.08 14.80 -20.97
C8 PG4 O . -18.14 13.76 -21.29
O5 PG4 O . -18.41 13.78 -22.67
#